data_8AGS
#
_entry.id   8AGS
#
_cell.length_a   69.210
_cell.length_b   46.190
_cell.length_c   92.140
_cell.angle_alpha   90.000
_cell.angle_beta   98.000
_cell.angle_gamma   90.000
#
_symmetry.space_group_name_H-M   'P 1 21 1'
#
loop_
_entity.id
_entity.type
_entity.pdbx_description
1 polymer 'Alpha/beta epoxide hydrolase'
2 non-polymer 2-CHLOROPHENOL
3 non-polymer 1,2-ETHANEDIOL
4 non-polymer 'TRIETHYLENE GLYCOL'
5 non-polymer 'CHLORIDE ION'
6 non-polymer 'HEXAETHYLENE GLYCOL'
7 water water
#
_entity_poly.entity_id   1
_entity_poly.type   'polypeptide(L)'
_entity_poly.pdbx_seq_one_letter_code
;MNEMLKHEYVKVNGIKMHYVTQGKGKLLLLLHGFPDFWYVWRFQIPALAKHFRVVAPDLRGYNETDKPEGVENYRLDLLA
KDILGLIKALGEEHAVVVGHDWGGIISWTLTAFNPQAVEKLVILNAPHPKAYMTRTKNSLRQLQKSWYVFFFQVANIPEK
ILSRNEFAFLKNMLIQSFVRRDLLTEEDLRIYVDAWSKSGALTSALNYYRANLNPDIIFSEKTVVFPKIKVPTLVIWGEK
DVAISKDLIVNMEDFIEAPYSIKYFPECGHWVQLEEPELVRKHIEEFILKSDIHHHHHH
;
_entity_poly.pdbx_strand_id   AAA,BBB
#
# COMPACT_ATOMS: atom_id res chain seq x y z
N ASN A 2 18.49 24.27 37.22
CA ASN A 2 17.61 24.85 36.16
C ASN A 2 16.43 23.92 35.85
N GLU A 3 15.69 24.23 34.77
CA GLU A 3 14.49 23.53 34.34
C GLU A 3 14.80 22.09 33.91
N MET A 4 14.19 21.13 34.60
CA MET A 4 14.29 19.73 34.20
CA MET A 4 14.30 19.75 34.19
C MET A 4 12.97 19.32 33.57
N LEU A 5 13.06 18.29 32.75
CA LEU A 5 11.92 17.75 32.06
CA LEU A 5 11.91 17.75 32.06
C LEU A 5 10.90 17.33 33.11
N LYS A 6 9.64 17.73 32.88
CA LYS A 6 8.55 17.30 33.72
C LYS A 6 7.39 16.70 32.93
N HIS A 7 6.75 15.72 33.53
CA HIS A 7 5.53 15.15 32.97
C HIS A 7 4.34 15.85 33.56
N GLU A 8 3.32 16.11 32.70
CA GLU A 8 2.12 16.76 33.13
C GLU A 8 0.91 16.23 32.40
N TYR A 9 -0.25 16.58 32.94
CA TYR A 9 -1.54 16.06 32.48
C TYR A 9 -2.58 17.15 32.55
N VAL A 10 -3.37 17.33 31.47
CA VAL A 10 -4.30 18.44 31.42
CA VAL A 10 -4.30 18.45 31.40
C VAL A 10 -5.56 18.02 30.65
N LYS A 11 -6.72 18.59 31.05
CA LYS A 11 -7.94 18.32 30.30
C LYS A 11 -8.06 19.26 29.11
N VAL A 12 -8.32 18.70 27.91
CA VAL A 12 -8.46 19.44 26.67
CA VAL A 12 -8.45 19.44 26.66
C VAL A 12 -9.60 18.83 25.85
N ASN A 13 -10.49 19.64 25.26
CA ASN A 13 -11.42 19.17 24.22
C ASN A 13 -12.09 17.83 24.59
N GLY A 14 -12.44 17.63 25.87
CA GLY A 14 -13.11 16.40 26.29
C GLY A 14 -12.20 15.25 26.75
N ILE A 15 -10.87 15.38 26.61
CA ILE A 15 -9.99 14.27 26.95
C ILE A 15 -8.90 14.80 27.87
N LYS A 16 -8.24 13.86 28.57
CA LYS A 16 -7.06 14.15 29.37
CA LYS A 16 -7.06 14.15 29.37
C LYS A 16 -5.81 13.83 28.54
N MET A 17 -4.93 14.82 28.39
CA MET A 17 -3.74 14.67 27.55
CA MET A 17 -3.74 14.68 27.56
C MET A 17 -2.51 14.73 28.45
N HIS A 18 -1.59 13.82 28.20
CA HIS A 18 -0.27 13.78 28.81
C HIS A 18 0.69 14.59 27.95
N TYR A 19 1.64 15.30 28.58
CA TYR A 19 2.74 15.95 27.85
C TYR A 19 3.97 15.99 28.72
N VAL A 20 5.10 16.19 28.09
CA VAL A 20 6.32 16.52 28.80
C VAL A 20 6.69 17.96 28.44
N THR A 21 7.33 18.62 29.39
CA THR A 21 7.71 20.03 29.15
C THR A 21 9.06 20.33 29.81
N GLN A 22 9.83 21.24 29.19
CA GLN A 22 11.07 21.68 29.78
C GLN A 22 11.37 23.07 29.20
N GLY A 23 11.88 23.95 30.08
CA GLY A 23 12.28 25.28 29.61
C GLY A 23 11.22 26.37 29.83
N LYS A 24 11.66 27.63 29.63
N LYS A 24 11.64 27.63 29.64
CA LYS A 24 10.82 28.81 29.81
CA LYS A 24 10.75 28.77 29.79
C LYS A 24 10.93 29.66 28.55
C LYS A 24 10.91 29.65 28.56
N GLY A 25 9.87 30.44 28.25
CA GLY A 25 9.90 31.34 27.12
C GLY A 25 8.77 31.06 26.16
N LYS A 26 8.97 31.32 24.87
CA LYS A 26 7.88 31.17 23.90
C LYS A 26 7.45 29.69 23.91
N LEU A 27 6.13 29.47 23.86
CA LEU A 27 5.63 28.08 23.80
C LEU A 27 5.98 27.50 22.43
N LEU A 28 6.59 26.31 22.45
CA LEU A 28 7.01 25.60 21.26
CA LEU A 28 7.01 25.59 21.27
C LEU A 28 6.42 24.18 21.43
N LEU A 29 5.42 23.83 20.58
CA LEU A 29 4.83 22.48 20.69
C LEU A 29 5.54 21.59 19.68
N LEU A 30 5.84 20.35 20.08
CA LEU A 30 6.42 19.37 19.17
C LEU A 30 5.39 18.25 19.09
N LEU A 31 4.85 17.94 17.90
CA LEU A 31 3.78 16.96 17.77
C LEU A 31 4.28 15.76 16.94
N HIS A 32 4.26 14.56 17.59
CA HIS A 32 4.71 13.33 16.95
C HIS A 32 3.65 12.78 15.97
N GLY A 33 4.04 11.68 15.30
CA GLY A 33 3.14 10.94 14.41
C GLY A 33 3.11 9.45 14.73
N PHE A 34 2.80 8.65 13.70
CA PHE A 34 2.67 7.21 13.92
C PHE A 34 4.00 6.54 13.63
N PRO A 35 4.47 5.49 14.35
CA PRO A 35 3.89 4.94 15.58
C PRO A 35 4.68 5.42 16.78
N ASP A 36 4.77 6.74 16.93
CA ASP A 36 5.62 7.37 17.95
C ASP A 36 4.77 7.86 19.11
N PHE A 37 5.43 8.62 19.99
CA PHE A 37 4.77 9.36 21.09
C PHE A 37 5.73 10.49 21.43
N TRP A 38 5.58 11.15 22.60
CA TRP A 38 6.45 12.33 22.85
C TRP A 38 7.93 12.00 22.74
N TYR A 39 8.31 10.74 23.08
CA TYR A 39 9.72 10.34 23.16
C TYR A 39 10.50 10.47 21.85
N VAL A 40 9.79 10.52 20.70
CA VAL A 40 10.42 10.74 19.42
C VAL A 40 11.23 12.04 19.41
N TRP A 41 10.86 12.96 20.28
CA TRP A 41 11.50 14.29 20.31
C TRP A 41 12.63 14.35 21.34
N ARG A 42 13.06 13.21 21.89
CA ARG A 42 14.10 13.14 22.93
C ARG A 42 15.39 13.90 22.57
N PHE A 43 15.81 13.93 21.32
CA PHE A 43 17.04 14.65 21.00
C PHE A 43 16.83 16.17 20.94
N GLN A 44 15.61 16.60 20.66
CA GLN A 44 15.41 18.04 20.51
C GLN A 44 14.98 18.73 21.80
N ILE A 45 14.28 18.04 22.69
CA ILE A 45 13.66 18.67 23.86
C ILE A 45 14.71 19.45 24.69
N PRO A 46 15.80 18.82 25.19
CA PRO A 46 16.72 19.56 26.07
C PRO A 46 17.40 20.73 25.37
N ALA A 47 17.74 20.58 24.07
CA ALA A 47 18.47 21.60 23.36
C ALA A 47 17.55 22.79 23.10
N LEU A 48 16.28 22.51 22.73
CA LEU A 48 15.37 23.65 22.48
C LEU A 48 14.93 24.26 23.80
N ALA A 49 14.92 23.48 24.91
CA ALA A 49 14.49 24.01 26.20
C ALA A 49 15.47 25.08 26.68
N LYS A 50 16.69 25.15 26.12
CA LYS A 50 17.59 26.23 26.50
CA LYS A 50 17.61 26.23 26.46
C LYS A 50 17.02 27.59 26.12
N HIS A 51 16.15 27.64 25.11
CA HIS A 51 15.67 28.92 24.59
C HIS A 51 14.17 29.09 24.76
N PHE A 52 13.41 27.97 24.87
CA PHE A 52 11.97 28.03 24.69
C PHE A 52 11.26 27.19 25.75
N ARG A 53 9.95 27.42 25.92
CA ARG A 53 9.11 26.52 26.73
C ARG A 53 8.66 25.40 25.79
N VAL A 54 9.32 24.24 25.89
CA VAL A 54 9.02 23.16 24.95
C VAL A 54 7.93 22.30 25.54
N VAL A 55 6.88 21.99 24.74
CA VAL A 55 5.84 21.07 25.19
C VAL A 55 5.72 19.98 24.12
N ALA A 56 5.81 18.69 24.53
CA ALA A 56 5.67 17.55 23.59
C ALA A 56 4.55 16.67 24.12
N PRO A 57 3.32 16.72 23.57
CA PRO A 57 2.16 15.94 24.05
C PRO A 57 2.16 14.55 23.42
N ASP A 58 1.47 13.64 24.10
CA ASP A 58 1.01 12.44 23.41
C ASP A 58 -0.35 12.75 22.79
N LEU A 59 -0.47 12.56 21.47
CA LEU A 59 -1.73 12.86 20.82
C LEU A 59 -2.86 11.94 21.24
N ARG A 60 -4.09 12.38 20.87
CA ARG A 60 -5.29 11.57 21.18
C ARG A 60 -5.08 10.11 20.75
N GLY A 61 -5.29 9.17 21.72
CA GLY A 61 -5.12 7.76 21.34
C GLY A 61 -3.78 7.16 21.77
N TYR A 62 -2.77 8.00 22.03
CA TYR A 62 -1.41 7.49 22.17
C TYR A 62 -0.95 7.48 23.62
N ASN A 63 -0.09 6.47 23.92
CA ASN A 63 0.71 6.40 25.13
C ASN A 63 -0.14 6.71 26.38
N GLU A 64 0.11 7.84 27.07
CA GLU A 64 -0.55 8.15 28.35
C GLU A 64 -1.77 9.04 28.16
N THR A 65 -2.08 9.44 26.91
CA THR A 65 -3.23 10.27 26.68
C THR A 65 -4.50 9.42 26.52
N ASP A 66 -5.65 10.06 26.81
CA ASP A 66 -6.94 9.37 26.68
C ASP A 66 -7.18 8.73 25.32
N LYS A 67 -8.02 7.66 25.27
CA LYS A 67 -8.23 6.92 24.02
C LYS A 67 -9.72 6.69 23.79
N PRO A 68 -10.46 7.67 23.27
CA PRO A 68 -11.90 7.53 23.01
C PRO A 68 -12.15 6.38 22.07
N GLU A 69 -13.30 5.70 22.25
CA GLU A 69 -13.64 4.61 21.33
CA GLU A 69 -13.61 4.62 21.31
C GLU A 69 -14.30 5.20 20.09
N GLY A 70 -14.07 4.55 18.94
CA GLY A 70 -14.84 4.85 17.73
C GLY A 70 -14.03 5.63 16.70
N VAL A 71 -14.07 5.18 15.46
CA VAL A 71 -13.29 5.80 14.38
C VAL A 71 -13.58 7.30 14.28
N GLU A 72 -14.85 7.73 14.44
CA GLU A 72 -15.26 9.10 14.21
CA GLU A 72 -15.20 9.12 14.17
C GLU A 72 -14.58 10.07 15.19
N ASN A 73 -14.11 9.56 16.34
CA ASN A 73 -13.41 10.39 17.32
C ASN A 73 -11.96 10.67 16.91
N TYR A 74 -11.52 10.22 15.71
CA TYR A 74 -10.16 10.49 15.25
C TYR A 74 -10.14 11.32 13.97
N ARG A 75 -11.26 11.96 13.58
CA ARG A 75 -11.30 12.86 12.44
CA ARG A 75 -11.27 12.84 12.42
C ARG A 75 -10.37 14.03 12.69
N LEU A 76 -9.73 14.51 11.60
CA LEU A 76 -8.74 15.58 11.61
CA LEU A 76 -8.72 15.56 11.66
C LEU A 76 -9.24 16.83 12.36
N ASP A 77 -10.52 17.18 12.15
CA ASP A 77 -11.09 18.37 12.80
CA ASP A 77 -11.02 18.39 12.80
C ASP A 77 -10.91 18.28 14.32
N LEU A 78 -11.22 17.09 14.90
CA LEU A 78 -11.12 16.90 16.34
C LEU A 78 -9.67 16.90 16.82
N LEU A 79 -8.79 16.28 16.05
CA LEU A 79 -7.37 16.27 16.43
C LEU A 79 -6.85 17.70 16.49
N ALA A 80 -7.15 18.54 15.49
CA ALA A 80 -6.64 19.91 15.52
C ALA A 80 -7.24 20.69 16.70
N LYS A 81 -8.52 20.43 17.00
CA LYS A 81 -9.17 21.08 18.14
C LYS A 81 -8.55 20.65 19.48
N ASP A 82 -8.04 19.41 19.58
CA ASP A 82 -7.27 19.01 20.77
C ASP A 82 -6.09 19.95 20.94
N ILE A 83 -5.40 20.26 19.84
CA ILE A 83 -4.17 21.06 19.94
C ILE A 83 -4.55 22.51 20.27
N LEU A 84 -5.62 23.04 19.68
CA LEU A 84 -6.03 24.38 20.06
CA LEU A 84 -6.11 24.36 20.06
C LEU A 84 -6.33 24.43 21.57
N GLY A 85 -7.02 23.38 22.08
CA GLY A 85 -7.35 23.23 23.47
C GLY A 85 -6.10 23.20 24.34
N LEU A 86 -5.09 22.45 23.90
CA LEU A 86 -3.87 22.32 24.66
C LEU A 86 -3.19 23.69 24.81
N ILE A 87 -3.13 24.49 23.74
CA ILE A 87 -2.45 25.81 23.84
C ILE A 87 -3.13 26.64 24.93
N LYS A 88 -4.46 26.58 24.99
CA LYS A 88 -5.18 27.35 26.00
CA LYS A 88 -5.18 27.35 26.00
C LYS A 88 -4.94 26.79 27.40
N ALA A 89 -4.93 25.44 27.52
CA ALA A 89 -4.81 24.79 28.81
C ALA A 89 -3.40 25.03 29.36
N LEU A 90 -2.42 25.41 28.49
CA LEU A 90 -1.06 25.69 28.93
C LEU A 90 -0.96 27.15 29.39
N GLY A 91 -2.05 27.89 29.22
CA GLY A 91 -2.14 29.27 29.70
C GLY A 91 -1.65 30.26 28.62
N GLU A 92 -1.69 29.81 27.37
CA GLU A 92 -1.14 30.60 26.28
C GLU A 92 -2.23 30.93 25.26
N GLU A 93 -1.95 31.86 24.35
CA GLU A 93 -2.87 32.09 23.24
C GLU A 93 -2.24 31.68 21.91
N HIS A 94 -0.90 31.64 21.87
CA HIS A 94 -0.20 31.40 20.63
C HIS A 94 0.89 30.38 20.89
N ALA A 95 1.26 29.63 19.84
CA ALA A 95 2.38 28.73 19.93
C ALA A 95 3.11 28.65 18.61
N VAL A 96 4.41 28.44 18.67
CA VAL A 96 5.08 27.92 17.50
C VAL A 96 4.76 26.40 17.48
N VAL A 97 4.36 25.86 16.34
CA VAL A 97 3.92 24.46 16.26
C VAL A 97 4.81 23.72 15.28
N VAL A 98 5.42 22.58 15.75
CA VAL A 98 6.32 21.77 14.95
C VAL A 98 5.66 20.40 14.88
N GLY A 99 5.45 19.90 13.66
CA GLY A 99 4.71 18.63 13.57
C GLY A 99 5.40 17.69 12.59
N HIS A 100 5.53 16.40 12.98
CA HIS A 100 6.12 15.37 12.15
C HIS A 100 5.07 14.31 11.82
N ASP A 101 4.99 13.88 10.52
CA ASP A 101 4.10 12.76 10.19
C ASP A 101 2.64 13.19 10.49
N TRP A 102 1.81 12.37 11.21
CA TRP A 102 0.48 12.84 11.54
C TRP A 102 0.48 14.15 12.33
N GLY A 103 1.48 14.34 13.22
CA GLY A 103 1.57 15.58 13.94
C GLY A 103 1.65 16.76 12.97
N GLY A 104 2.35 16.54 11.89
CA GLY A 104 2.45 17.57 10.82
C GLY A 104 1.13 17.74 10.05
N ILE A 105 0.43 16.65 9.72
CA ILE A 105 -0.86 16.81 9.06
CA ILE A 105 -0.87 16.80 9.07
C ILE A 105 -1.77 17.63 9.97
N ILE A 106 -1.74 17.34 11.28
CA ILE A 106 -2.58 18.09 12.21
C ILE A 106 -2.13 19.57 12.25
N SER A 107 -0.81 19.79 12.23
CA SER A 107 -0.25 21.15 12.28
C SER A 107 -0.64 21.94 11.01
N TRP A 108 -0.55 21.30 9.82
CA TRP A 108 -1.02 22.01 8.61
C TRP A 108 -2.48 22.44 8.76
N THR A 109 -3.29 21.56 9.32
CA THR A 109 -4.73 21.75 9.44
C THR A 109 -5.02 22.84 10.49
N LEU A 110 -4.38 22.76 11.66
CA LEU A 110 -4.60 23.74 12.72
C LEU A 110 -4.21 25.12 12.16
N THR A 111 -3.11 25.18 11.44
CA THR A 111 -2.60 26.48 10.97
C THR A 111 -3.54 27.08 9.95
N ALA A 112 -4.00 26.26 9.01
CA ALA A 112 -4.87 26.75 7.92
C ALA A 112 -6.19 27.28 8.48
N PHE A 113 -6.80 26.57 9.46
CA PHE A 113 -8.13 26.92 9.94
C PHE A 113 -8.07 27.83 11.17
N ASN A 114 -6.93 27.88 11.88
CA ASN A 114 -6.86 28.65 13.12
C ASN A 114 -5.55 29.40 13.14
N PRO A 115 -5.29 30.32 12.17
CA PRO A 115 -3.98 30.94 12.04
C PRO A 115 -3.69 31.78 13.29
N GLN A 116 -4.74 32.22 14.01
CA GLN A 116 -4.55 33.04 15.19
C GLN A 116 -3.84 32.28 16.31
N ALA A 117 -3.93 30.93 16.36
CA ALA A 117 -3.31 30.19 17.44
C ALA A 117 -1.85 29.87 17.11
N VAL A 118 -1.43 30.08 15.84
CA VAL A 118 -0.14 29.54 15.40
C VAL A 118 0.76 30.72 15.02
N GLU A 119 1.86 30.92 15.74
CA GLU A 119 2.70 32.08 15.47
C GLU A 119 3.61 31.79 14.27
N LYS A 120 4.19 30.58 14.25
CA LYS A 120 5.00 30.06 13.16
CA LYS A 120 5.02 30.07 13.17
C LYS A 120 4.80 28.55 13.07
N LEU A 121 4.96 28.01 11.88
CA LEU A 121 4.67 26.58 11.60
C LEU A 121 5.95 25.90 11.12
N VAL A 122 6.32 24.76 11.74
CA VAL A 122 7.39 23.93 11.21
C VAL A 122 6.77 22.56 10.87
N ILE A 123 7.11 22.01 9.71
CA ILE A 123 6.62 20.70 9.26
C ILE A 123 7.86 19.84 8.99
N LEU A 124 7.91 18.60 9.54
CA LEU A 124 8.95 17.66 9.15
C LEU A 124 8.26 16.47 8.49
N ASN A 125 8.57 16.21 7.22
CA ASN A 125 8.10 14.99 6.54
C ASN A 125 6.62 14.69 6.83
N ALA A 126 5.76 15.62 6.45
CA ALA A 126 4.31 15.43 6.52
C ALA A 126 3.77 16.13 5.31
N PRO A 127 3.04 15.38 4.44
CA PRO A 127 2.46 16.00 3.25
C PRO A 127 1.38 16.99 3.67
N HIS A 128 1.24 18.08 2.89
CA HIS A 128 0.10 18.95 3.04
C HIS A 128 -1.15 18.11 2.77
N PRO A 129 -2.19 18.19 3.61
CA PRO A 129 -3.35 17.28 3.46
C PRO A 129 -4.03 17.42 2.11
N LYS A 130 -4.05 18.65 1.56
CA LYS A 130 -4.68 18.82 0.25
C LYS A 130 -3.84 18.22 -0.87
N ALA A 131 -2.49 18.27 -0.77
CA ALA A 131 -1.63 17.59 -1.71
C ALA A 131 -1.87 16.08 -1.67
N TYR A 132 -1.95 15.49 -0.46
CA TYR A 132 -2.20 14.07 -0.33
C TYR A 132 -3.55 13.72 -0.97
N MET A 133 -4.62 14.46 -0.61
CA MET A 133 -5.97 14.10 -1.04
CA MET A 133 -5.97 14.12 -1.04
C MET A 133 -6.13 14.32 -2.55
N THR A 134 -5.45 15.33 -3.11
CA THR A 134 -5.51 15.61 -4.54
C THR A 134 -4.70 14.61 -5.33
N ARG A 135 -3.46 14.36 -4.92
CA ARG A 135 -2.43 13.85 -5.80
C ARG A 135 -2.29 12.32 -5.68
N THR A 136 -2.63 11.77 -4.50
CA THR A 136 -2.34 10.34 -4.27
C THR A 136 -2.99 9.45 -5.34
N LYS A 137 -4.27 9.67 -5.61
CA LYS A 137 -4.94 8.77 -6.55
C LYS A 137 -4.32 8.81 -7.96
N ASN A 138 -3.54 9.85 -8.27
CA ASN A 138 -2.90 9.98 -9.58
C ASN A 138 -1.41 9.65 -9.55
N SER A 139 -0.91 9.10 -8.44
CA SER A 139 0.53 8.84 -8.29
C SER A 139 0.72 7.36 -7.95
N LEU A 140 1.17 6.55 -8.93
CA LEU A 140 1.42 5.13 -8.63
C LEU A 140 2.45 5.00 -7.52
N ARG A 141 3.44 5.87 -7.50
CA ARG A 141 4.47 5.70 -6.46
CA ARG A 141 4.49 5.78 -6.48
C ARG A 141 3.89 6.01 -5.09
N GLN A 142 3.04 7.02 -4.96
CA GLN A 142 2.44 7.27 -3.63
C GLN A 142 1.48 6.13 -3.23
N LEU A 143 0.66 5.63 -4.18
CA LEU A 143 -0.23 4.53 -3.84
C LEU A 143 0.57 3.33 -3.32
N GLN A 144 1.69 3.02 -3.98
CA GLN A 144 2.57 1.95 -3.54
C GLN A 144 3.12 2.22 -2.14
N LYS A 145 3.68 3.42 -1.91
CA LYS A 145 4.23 3.76 -0.59
C LYS A 145 3.15 3.71 0.48
N SER A 146 1.89 3.97 0.10
CA SER A 146 0.77 3.92 1.05
C SER A 146 0.12 2.55 1.15
N TRP A 147 0.83 1.46 0.80
CA TRP A 147 0.22 0.13 0.95
C TRP A 147 -0.35 -0.07 2.35
N TYR A 148 0.39 0.44 3.38
CA TYR A 148 -0.01 0.13 4.76
C TYR A 148 -1.22 0.96 5.15
N VAL A 149 -1.44 2.13 4.47
CA VAL A 149 -2.67 2.88 4.72
C VAL A 149 -3.90 2.03 4.36
N PHE A 150 -3.81 1.29 3.23
CA PHE A 150 -4.92 0.42 2.82
C PHE A 150 -5.02 -0.78 3.78
N PHE A 151 -3.86 -1.36 4.18
CA PHE A 151 -3.87 -2.47 5.13
C PHE A 151 -4.64 -2.09 6.41
N PHE A 152 -4.37 -0.87 6.90
CA PHE A 152 -4.89 -0.41 8.19
C PHE A 152 -6.42 -0.21 8.16
N GLN A 153 -7.04 -0.20 6.99
CA GLN A 153 -8.46 0.06 6.90
C GLN A 153 -9.27 -1.13 7.40
N VAL A 154 -8.69 -2.33 7.35
CA VAL A 154 -9.47 -3.50 7.76
C VAL A 154 -9.62 -3.51 9.28
N ALA A 155 -10.81 -3.91 9.81
CA ALA A 155 -11.03 -3.94 11.26
C ALA A 155 -10.37 -5.16 11.91
N ASN A 156 -9.82 -4.92 13.11
CA ASN A 156 -9.34 -5.94 14.03
C ASN A 156 -8.02 -6.57 13.63
N ILE A 157 -7.91 -6.96 12.34
CA ILE A 157 -6.82 -7.85 11.97
CA ILE A 157 -6.82 -7.85 11.95
C ILE A 157 -5.49 -7.10 11.98
N PRO A 158 -5.40 -5.83 11.51
CA PRO A 158 -4.09 -5.14 11.58
C PRO A 158 -3.58 -4.99 13.02
N GLU A 159 -4.45 -4.68 13.96
CA GLU A 159 -3.96 -4.56 15.34
C GLU A 159 -3.32 -5.87 15.81
N LYS A 160 -3.97 -7.00 15.44
CA LYS A 160 -3.44 -8.33 15.78
CA LYS A 160 -3.41 -8.30 15.82
C LYS A 160 -2.06 -8.55 15.16
N ILE A 161 -1.96 -8.35 13.84
CA ILE A 161 -0.73 -8.56 13.16
C ILE A 161 0.40 -7.64 13.66
N LEU A 162 0.07 -6.35 13.88
CA LEU A 162 1.12 -5.40 14.31
C LEU A 162 1.69 -5.72 15.70
N SER A 163 0.88 -6.35 16.57
CA SER A 163 1.25 -6.57 17.97
C SER A 163 1.89 -7.94 18.23
N ARG A 164 1.76 -8.90 17.30
CA ARG A 164 2.38 -10.23 17.49
C ARG A 164 3.90 -10.19 17.65
N ASN A 165 4.44 -11.14 18.44
CA ASN A 165 5.89 -11.27 18.61
CA ASN A 165 5.88 -11.27 18.63
C ASN A 165 6.49 -9.95 19.09
N GLU A 166 5.89 -9.38 20.13
CA GLU A 166 6.32 -8.15 20.78
CA GLU A 166 6.34 -8.16 20.79
C GLU A 166 6.48 -7.05 19.74
N PHE A 167 5.40 -6.83 18.98
CA PHE A 167 5.33 -5.75 17.99
C PHE A 167 6.42 -5.82 16.92
N ALA A 168 6.80 -7.05 16.51
CA ALA A 168 7.85 -7.24 15.51
C ALA A 168 7.53 -6.41 14.25
N PHE A 169 6.24 -6.31 13.89
CA PHE A 169 5.83 -5.61 12.68
C PHE A 169 6.21 -4.14 12.77
N LEU A 170 5.78 -3.44 13.84
CA LEU A 170 6.04 -2.02 14.02
C LEU A 170 7.52 -1.78 14.15
N LYS A 171 8.22 -2.66 14.89
CA LYS A 171 9.66 -2.47 14.95
C LYS A 171 10.22 -2.46 13.52
N ASN A 172 9.73 -3.37 12.67
CA ASN A 172 10.32 -3.52 11.35
C ASN A 172 9.97 -2.32 10.47
N MET A 173 8.77 -1.78 10.63
CA MET A 173 8.33 -0.59 9.91
CA MET A 173 8.33 -0.59 9.92
C MET A 173 9.34 0.54 10.15
N LEU A 174 9.70 0.76 11.42
CA LEU A 174 10.62 1.80 11.78
C LEU A 174 12.00 1.46 11.20
N ILE A 175 12.51 0.28 11.54
CA ILE A 175 13.87 -0.09 11.16
CA ILE A 175 13.88 -0.06 11.17
C ILE A 175 14.07 0.04 9.66
N GLN A 176 13.12 -0.44 8.86
CA GLN A 176 13.27 -0.38 7.40
C GLN A 176 13.13 1.06 6.88
N SER A 177 12.69 2.00 7.72
CA SER A 177 12.53 3.38 7.27
C SER A 177 13.75 4.23 7.54
N PHE A 178 14.68 3.74 8.34
CA PHE A 178 15.82 4.59 8.71
C PHE A 178 16.95 4.40 7.71
N VAL A 179 17.71 5.48 7.43
CA VAL A 179 18.81 5.45 6.47
CA VAL A 179 18.78 5.35 6.46
C VAL A 179 20.04 4.84 7.13
N ARG A 180 20.11 4.90 8.47
CA ARG A 180 21.26 4.45 9.25
CA ARG A 180 21.26 4.44 9.22
C ARG A 180 20.87 3.24 10.09
N ARG A 181 21.81 2.29 10.20
CA ARG A 181 21.65 1.09 10.99
C ARG A 181 21.84 1.44 12.47
N ASP A 182 21.20 0.63 13.33
CA ASP A 182 21.40 0.76 14.77
C ASP A 182 21.01 2.16 15.25
N LEU A 183 20.06 2.81 14.56
CA LEU A 183 19.59 4.11 15.03
C LEU A 183 18.79 3.93 16.32
N LEU A 184 17.93 2.90 16.41
CA LEU A 184 17.30 2.69 17.69
C LEU A 184 18.04 1.58 18.42
N THR A 185 18.25 1.84 19.71
CA THR A 185 18.86 0.84 20.57
C THR A 185 17.77 -0.16 20.97
N GLU A 186 18.19 -1.34 21.42
CA GLU A 186 17.27 -2.27 22.02
C GLU A 186 16.51 -1.61 23.16
N GLU A 187 17.18 -0.71 23.89
CA GLU A 187 16.54 0.00 24.98
C GLU A 187 15.43 0.92 24.44
N ASP A 188 15.70 1.66 23.37
CA ASP A 188 14.64 2.49 22.77
C ASP A 188 13.42 1.63 22.39
N LEU A 189 13.69 0.47 21.79
CA LEU A 189 12.62 -0.44 21.39
C LEU A 189 11.79 -0.91 22.57
N ARG A 190 12.43 -1.18 23.73
CA ARG A 190 11.71 -1.52 24.94
CA ARG A 190 11.70 -1.53 24.93
C ARG A 190 10.74 -0.39 25.31
N ILE A 191 11.22 0.86 25.23
CA ILE A 191 10.43 2.00 25.63
C ILE A 191 9.26 2.15 24.65
N TYR A 192 9.53 1.96 23.37
CA TYR A 192 8.41 2.02 22.42
C TYR A 192 7.38 0.92 22.68
N VAL A 193 7.85 -0.30 23.00
CA VAL A 193 6.84 -1.35 23.25
C VAL A 193 5.96 -1.04 24.46
N ASP A 194 6.55 -0.37 25.46
CA ASP A 194 5.79 0.05 26.63
C ASP A 194 4.63 0.93 26.20
N ALA A 195 4.92 1.88 25.29
CA ALA A 195 3.86 2.77 24.81
C ALA A 195 2.87 2.03 23.91
N TRP A 196 3.36 1.15 23.04
CA TRP A 196 2.44 0.48 22.14
C TRP A 196 1.48 -0.43 22.89
N SER A 197 1.94 -0.89 24.05
CA SER A 197 1.20 -1.92 24.77
C SER A 197 0.08 -1.33 25.59
N LYS A 198 0.02 0.01 25.77
CA LYS A 198 -1.03 0.65 26.54
CA LYS A 198 -1.03 0.65 26.54
C LYS A 198 -2.37 0.19 25.96
N SER A 199 -3.32 -0.25 26.80
CA SER A 199 -4.62 -0.73 26.37
CA SER A 199 -4.55 -0.79 26.27
C SER A 199 -5.29 0.23 25.38
N GLY A 200 -5.63 -0.22 24.18
CA GLY A 200 -6.35 0.62 23.21
C GLY A 200 -5.43 1.49 22.35
N ALA A 201 -4.11 1.51 22.58
CA ALA A 201 -3.27 2.51 21.88
C ALA A 201 -3.22 2.18 20.39
N LEU A 202 -3.00 0.91 20.06
CA LEU A 202 -2.81 0.59 18.65
CA LEU A 202 -2.82 0.58 18.66
C LEU A 202 -4.09 0.81 17.87
N THR A 203 -5.26 0.37 18.41
CA THR A 203 -6.53 0.65 17.73
C THR A 203 -6.76 2.13 17.49
N SER A 204 -6.50 2.93 18.53
CA SER A 204 -6.70 4.37 18.38
C SER A 204 -5.77 4.97 17.32
N ALA A 205 -4.50 4.54 17.32
CA ALA A 205 -3.56 5.04 16.31
C ALA A 205 -4.06 4.69 14.91
N LEU A 206 -4.56 3.45 14.70
CA LEU A 206 -4.93 3.07 13.35
C LEU A 206 -6.22 3.78 12.94
N ASN A 207 -7.02 4.21 13.94
CA ASN A 207 -8.25 4.93 13.68
C ASN A 207 -7.93 6.29 13.01
N TYR A 208 -6.71 6.81 13.14
CA TYR A 208 -6.45 8.03 12.36
C TYR A 208 -6.55 7.77 10.85
N TYR A 209 -6.05 6.60 10.43
CA TYR A 209 -6.06 6.22 9.03
C TYR A 209 -7.48 5.93 8.53
N ARG A 210 -8.24 5.23 9.38
CA ARG A 210 -9.61 4.84 9.04
C ARG A 210 -10.50 6.07 8.95
N ALA A 211 -10.25 7.07 9.82
CA ALA A 211 -11.13 8.26 9.80
C ALA A 211 -10.79 9.17 8.65
N ASN A 212 -9.49 9.32 8.34
CA ASN A 212 -9.08 10.42 7.46
C ASN A 212 -8.48 9.99 6.13
N LEU A 213 -8.11 8.70 5.95
CA LEU A 213 -7.40 8.27 4.76
C LEU A 213 -8.05 6.99 4.22
N ASN A 214 -9.36 6.85 4.44
CA ASN A 214 -10.05 5.68 3.93
C ASN A 214 -10.19 5.80 2.41
N PRO A 215 -10.51 4.72 1.70
CA PRO A 215 -10.46 4.77 0.24
C PRO A 215 -11.47 5.76 -0.36
N ASP A 216 -12.62 5.92 0.32
CA ASP A 216 -13.61 6.88 -0.15
C ASP A 216 -13.03 8.29 -0.19
N ILE A 217 -12.16 8.62 0.77
CA ILE A 217 -11.50 9.91 0.77
C ILE A 217 -10.38 9.94 -0.26
N ILE A 218 -9.49 8.91 -0.31
CA ILE A 218 -8.37 8.97 -1.23
C ILE A 218 -8.87 9.06 -2.68
N PHE A 219 -9.96 8.37 -2.99
CA PHE A 219 -10.41 8.32 -4.37
C PHE A 219 -11.63 9.22 -4.61
N SER A 220 -11.92 10.15 -3.70
CA SER A 220 -13.06 11.06 -3.76
C SER A 220 -13.02 11.89 -5.04
N GLU A 221 -14.22 12.21 -5.54
CA GLU A 221 -14.29 13.05 -6.73
C GLU A 221 -14.36 14.52 -6.31
N LYS A 222 -14.80 14.75 -5.07
CA LYS A 222 -14.84 16.10 -4.51
CA LYS A 222 -14.84 16.10 -4.51
C LYS A 222 -13.41 16.64 -4.37
N THR A 223 -13.25 17.96 -4.55
CA THR A 223 -12.00 18.62 -4.21
C THR A 223 -12.08 19.04 -2.74
N VAL A 224 -10.92 19.07 -2.07
CA VAL A 224 -10.90 19.45 -0.66
C VAL A 224 -10.76 20.97 -0.55
N VAL A 225 -11.46 21.54 0.44
CA VAL A 225 -11.36 22.95 0.79
C VAL A 225 -10.30 23.11 1.89
N PHE A 226 -9.21 23.80 1.55
CA PHE A 226 -8.16 24.05 2.53
C PHE A 226 -7.63 25.48 2.32
N PRO A 227 -7.82 26.41 3.29
CA PRO A 227 -7.33 27.77 3.20
C PRO A 227 -5.81 27.81 3.02
N LYS A 228 -5.31 28.81 2.30
CA LYS A 228 -3.86 28.99 2.22
CA LYS A 228 -3.86 28.99 2.22
C LYS A 228 -3.27 29.30 3.61
N ILE A 229 -2.02 28.84 3.81
CA ILE A 229 -1.31 29.07 5.06
C ILE A 229 -0.85 30.54 5.06
N LYS A 230 -1.12 31.26 6.16
CA LYS A 230 -0.85 32.69 6.25
CA LYS A 230 -0.85 32.69 6.25
C LYS A 230 0.19 33.02 7.32
N VAL A 231 0.89 32.00 7.84
CA VAL A 231 1.90 32.28 8.86
C VAL A 231 3.25 31.77 8.33
N PRO A 232 4.39 32.33 8.78
CA PRO A 232 5.70 31.91 8.34
C PRO A 232 5.87 30.40 8.54
N THR A 233 6.40 29.70 7.53
CA THR A 233 6.43 28.23 7.56
C THR A 233 7.85 27.77 7.19
N LEU A 234 8.36 26.75 7.91
CA LEU A 234 9.62 26.09 7.57
C LEU A 234 9.25 24.60 7.35
N VAL A 235 9.69 24.05 6.24
CA VAL A 235 9.54 22.60 5.98
C VAL A 235 10.94 22.01 6.05
N ILE A 236 11.09 20.90 6.81
CA ILE A 236 12.34 20.14 6.83
C ILE A 236 11.99 18.77 6.25
N TRP A 237 12.77 18.33 5.26
CA TRP A 237 12.33 17.16 4.48
C TRP A 237 13.49 16.20 4.23
N GLY A 238 13.46 15.06 4.89
CA GLY A 238 14.36 13.95 4.58
C GLY A 238 13.94 13.31 3.27
N GLU A 239 14.86 13.29 2.28
CA GLU A 239 14.43 12.92 0.95
C GLU A 239 14.26 11.41 0.74
N LYS A 240 14.89 10.60 1.57
CA LYS A 240 14.78 9.14 1.40
CA LYS A 240 14.76 9.14 1.38
C LYS A 240 13.62 8.59 2.22
N ASP A 241 12.44 9.18 2.04
CA ASP A 241 11.21 8.88 2.80
C ASP A 241 10.48 7.67 2.17
N VAL A 242 10.37 6.55 2.91
CA VAL A 242 9.75 5.37 2.33
C VAL A 242 8.22 5.51 2.31
N ALA A 243 7.64 6.53 3.00
CA ALA A 243 6.19 6.66 3.07
C ALA A 243 5.61 7.74 2.18
N ILE A 244 6.44 8.72 1.76
CA ILE A 244 5.90 9.86 1.02
CA ILE A 244 5.90 9.85 1.01
C ILE A 244 6.70 10.03 -0.27
N SER A 245 5.96 10.07 -1.39
CA SER A 245 6.57 10.24 -2.72
C SER A 245 6.88 11.73 -2.90
N LYS A 246 8.00 12.00 -3.57
CA LYS A 246 8.32 13.39 -3.95
C LYS A 246 7.23 13.98 -4.84
N ASP A 247 6.36 13.15 -5.46
CA ASP A 247 5.18 13.68 -6.15
C ASP A 247 4.33 14.62 -5.28
N LEU A 248 4.25 14.33 -3.97
CA LEU A 248 3.36 15.05 -3.09
C LEU A 248 3.97 16.38 -2.60
N ILE A 249 5.26 16.59 -2.81
CA ILE A 249 5.83 17.83 -2.35
C ILE A 249 6.16 18.74 -3.55
N VAL A 250 5.87 18.29 -4.75
CA VAL A 250 6.11 19.21 -5.89
C VAL A 250 5.28 20.49 -5.72
N ASN A 251 5.98 21.66 -5.77
CA ASN A 251 5.33 22.98 -5.64
C ASN A 251 4.55 23.12 -4.33
N MET A 252 5.09 22.57 -3.23
CA MET A 252 4.42 22.65 -1.95
C MET A 252 4.22 24.10 -1.53
N GLU A 253 5.13 24.97 -1.98
CA GLU A 253 5.11 26.38 -1.60
C GLU A 253 3.85 27.05 -2.13
N ASP A 254 3.16 26.46 -3.14
CA ASP A 254 1.92 26.99 -3.62
C ASP A 254 0.84 27.02 -2.53
N PHE A 255 1.01 26.26 -1.44
CA PHE A 255 -0.03 26.23 -0.41
C PHE A 255 0.15 27.35 0.62
N ILE A 256 1.20 28.15 0.46
CA ILE A 256 1.65 29.04 1.53
CA ILE A 256 1.60 29.05 1.54
C ILE A 256 1.63 30.48 0.98
N GLU A 257 0.83 31.37 1.59
CA GLU A 257 0.89 32.80 1.28
CA GLU A 257 0.87 32.79 1.28
C GLU A 257 1.49 33.56 2.46
N ALA A 258 2.81 33.37 2.68
CA ALA A 258 3.55 33.85 3.83
C ALA A 258 5.00 33.42 3.60
N PRO A 259 5.95 33.90 4.40
CA PRO A 259 7.35 33.50 4.26
C PRO A 259 7.36 31.97 4.37
N TYR A 260 8.17 31.36 3.50
CA TYR A 260 8.24 29.89 3.38
C TYR A 260 9.69 29.52 3.07
N SER A 261 10.24 28.50 3.76
CA SER A 261 11.58 27.99 3.59
CA SER A 261 11.50 27.96 3.30
C SER A 261 11.47 26.45 3.53
N ILE A 262 12.23 25.77 2.65
CA ILE A 262 12.29 24.31 2.77
C ILE A 262 13.75 23.92 2.81
N LYS A 263 14.06 23.02 3.75
CA LYS A 263 15.43 22.57 3.95
C LYS A 263 15.42 21.09 3.63
N TYR A 264 16.12 20.69 2.55
CA TYR A 264 16.16 19.29 2.20
C TYR A 264 17.36 18.62 2.84
N PHE A 265 17.12 17.38 3.30
CA PHE A 265 18.14 16.52 3.88
C PHE A 265 18.23 15.31 2.96
N PRO A 266 19.10 15.32 1.92
CA PRO A 266 19.06 14.32 0.87
CA PRO A 266 19.06 14.33 0.86
C PRO A 266 19.42 12.90 1.30
N GLU A 267 20.14 12.79 2.44
CA GLU A 267 20.61 11.51 2.91
CA GLU A 267 20.62 11.51 2.92
C GLU A 267 19.82 11.03 4.13
N CYS A 268 18.71 11.71 4.46
CA CYS A 268 17.91 11.31 5.62
C CYS A 268 16.55 10.83 5.14
N GLY A 269 15.89 10.02 5.97
CA GLY A 269 14.58 9.46 5.66
C GLY A 269 13.45 10.17 6.43
N HIS A 270 12.33 9.45 6.56
CA HIS A 270 11.11 9.99 7.14
C HIS A 270 11.41 10.53 8.54
N TRP A 271 12.27 9.82 9.34
CA TRP A 271 12.51 10.25 10.73
C TRP A 271 13.72 11.18 10.79
N VAL A 272 13.62 12.31 10.09
CA VAL A 272 14.73 13.23 9.98
C VAL A 272 15.20 13.72 11.35
N GLN A 273 14.29 13.88 12.33
CA GLN A 273 14.67 14.45 13.60
C GLN A 273 15.55 13.45 14.38
N LEU A 274 15.55 12.15 13.98
CA LEU A 274 16.39 11.17 14.67
C LEU A 274 17.72 10.99 13.93
N GLU A 275 17.72 11.25 12.63
CA GLU A 275 18.87 11.00 11.77
C GLU A 275 19.88 12.15 11.79
N GLU A 276 19.40 13.40 11.76
CA GLU A 276 20.28 14.56 11.88
C GLU A 276 19.73 15.49 12.97
N PRO A 277 19.71 15.04 14.25
CA PRO A 277 19.00 15.72 15.32
C PRO A 277 19.54 17.12 15.59
N GLU A 278 20.85 17.34 15.43
CA GLU A 278 21.43 18.63 15.74
CA GLU A 278 21.46 18.63 15.74
C GLU A 278 21.12 19.65 14.65
N LEU A 279 21.22 19.23 13.37
CA LEU A 279 20.97 20.12 12.26
CA LEU A 279 20.98 20.13 12.26
C LEU A 279 19.49 20.47 12.21
N VAL A 280 18.61 19.50 12.58
CA VAL A 280 17.16 19.78 12.68
C VAL A 280 16.92 20.84 13.74
N ARG A 281 17.49 20.65 14.95
CA ARG A 281 17.36 21.60 16.05
C ARG A 281 17.84 23.00 15.64
N LYS A 282 19.03 23.07 15.00
CA LYS A 282 19.62 24.33 14.56
CA LYS A 282 19.61 24.34 14.58
C LYS A 282 18.68 25.08 13.61
N HIS A 283 18.13 24.36 12.61
CA HIS A 283 17.25 25.02 11.66
C HIS A 283 16.01 25.53 12.35
N ILE A 284 15.40 24.75 13.25
CA ILE A 284 14.18 25.18 13.92
C ILE A 284 14.48 26.44 14.75
N GLU A 285 15.59 26.42 15.51
CA GLU A 285 15.89 27.53 16.40
C GLU A 285 16.09 28.83 15.62
N GLU A 286 16.90 28.78 14.56
CA GLU A 286 17.19 29.93 13.72
C GLU A 286 15.90 30.52 13.12
N PHE A 287 15.00 29.64 12.75
CA PHE A 287 13.74 30.08 12.14
C PHE A 287 12.90 30.86 13.14
N ILE A 288 12.78 30.34 14.38
CA ILE A 288 11.96 30.98 15.41
C ILE A 288 12.55 32.30 15.86
N LEU A 289 13.87 32.35 16.04
CA LEU A 289 14.54 33.53 16.61
C LEU A 289 14.68 34.62 15.56
N LYS A 290 14.57 34.29 14.27
CA LYS A 290 14.71 35.36 13.27
C LYS A 290 13.67 36.48 13.48
N SER A 291 14.15 37.74 13.59
CA SER A 291 13.27 38.91 13.66
C SER A 291 12.42 38.99 12.41
N ASP A 292 11.14 39.33 12.60
CA ASP A 292 10.20 39.55 11.53
CA ASP A 292 10.24 39.53 11.48
C ASP A 292 10.33 40.97 10.98
N ILE A 293 10.99 41.86 11.77
CA ILE A 293 11.20 43.26 11.41
C ILE A 293 12.69 43.42 11.17
N HIS A 294 13.00 43.96 9.99
CA HIS A 294 14.35 44.15 9.49
C HIS A 294 14.63 45.63 9.26
N HIS A 295 14.92 46.36 10.32
CA HIS A 295 15.19 47.80 10.20
C HIS A 295 16.60 48.19 10.61
N HIS A 296 17.57 47.25 10.63
CA HIS A 296 18.95 47.71 10.76
C HIS A 296 19.92 46.84 9.97
N HIS A 297 19.75 46.87 8.64
CA HIS A 297 20.57 46.17 7.67
C HIS A 297 22.02 46.42 8.03
N HIS A 298 22.82 45.36 8.23
CA HIS A 298 24.27 45.49 8.38
C HIS A 298 24.72 46.25 9.64
N HIS A 299 24.01 46.05 10.77
CA HIS A 299 24.33 46.54 12.11
C HIS A 299 24.10 45.41 13.13
N GLU B 3 -12.15 -24.24 -39.79
CA GLU B 3 -12.31 -24.31 -38.30
C GLU B 3 -11.92 -22.96 -37.69
N MET B 4 -12.90 -22.19 -37.21
CA MET B 4 -12.63 -20.91 -36.58
C MET B 4 -12.92 -21.00 -35.08
N LEU B 5 -12.60 -19.91 -34.39
CA LEU B 5 -12.82 -19.81 -32.96
CA LEU B 5 -12.83 -19.73 -32.97
C LEU B 5 -14.31 -20.03 -32.70
N LYS B 6 -14.58 -20.92 -31.75
CA LYS B 6 -15.94 -21.19 -31.31
C LYS B 6 -16.08 -21.05 -29.78
N HIS B 7 -17.28 -20.65 -29.37
CA HIS B 7 -17.64 -20.59 -27.96
C HIS B 7 -18.26 -21.91 -27.51
N GLU B 8 -18.00 -22.24 -26.26
CA GLU B 8 -18.60 -23.42 -25.63
C GLU B 8 -18.81 -23.14 -24.15
N TYR B 9 -19.58 -24.04 -23.52
CA TYR B 9 -19.93 -23.98 -22.11
C TYR B 9 -19.95 -25.42 -21.63
N VAL B 10 -19.41 -25.65 -20.44
CA VAL B 10 -19.32 -27.00 -19.91
CA VAL B 10 -19.29 -26.99 -19.91
C VAL B 10 -19.48 -26.95 -18.40
N LYS B 11 -20.10 -27.99 -17.83
CA LYS B 11 -20.24 -28.09 -16.38
C LYS B 11 -19.00 -28.71 -15.78
N VAL B 12 -18.46 -28.08 -14.73
CA VAL B 12 -17.24 -28.50 -14.05
C VAL B 12 -17.40 -28.20 -12.55
N ASN B 13 -17.04 -29.13 -11.64
CA ASN B 13 -16.83 -28.79 -10.24
C ASN B 13 -17.99 -27.97 -9.65
N GLY B 14 -19.23 -28.23 -10.08
CA GLY B 14 -20.39 -27.53 -9.55
C GLY B 14 -20.79 -26.25 -10.29
N ILE B 15 -20.03 -25.82 -11.31
CA ILE B 15 -20.32 -24.56 -11.97
C ILE B 15 -20.30 -24.81 -13.47
N LYS B 16 -20.88 -23.88 -14.23
CA LYS B 16 -20.79 -23.85 -15.68
C LYS B 16 -19.66 -22.88 -16.10
N MET B 17 -18.71 -23.37 -16.92
CA MET B 17 -17.59 -22.57 -17.38
CA MET B 17 -17.57 -22.59 -17.37
C MET B 17 -17.72 -22.32 -18.87
N HIS B 18 -17.56 -21.06 -19.26
CA HIS B 18 -17.48 -20.67 -20.65
C HIS B 18 -16.04 -20.77 -21.12
N TYR B 19 -15.84 -21.17 -22.39
CA TYR B 19 -14.51 -21.13 -22.98
C TYR B 19 -14.62 -20.89 -24.47
N VAL B 20 -13.51 -20.45 -25.05
CA VAL B 20 -13.37 -20.43 -26.50
C VAL B 20 -12.35 -21.48 -26.89
N THR B 21 -12.49 -22.00 -28.13
CA THR B 21 -11.60 -23.08 -28.56
C THR B 21 -11.41 -23.00 -30.08
N GLN B 22 -10.21 -23.38 -30.52
CA GLN B 22 -9.82 -23.38 -31.92
C GLN B 22 -8.71 -24.41 -32.06
N GLY B 23 -8.75 -25.20 -33.14
CA GLY B 23 -7.64 -26.11 -33.43
C GLY B 23 -7.88 -27.54 -32.96
N LYS B 24 -7.00 -28.46 -33.43
CA LYS B 24 -7.07 -29.88 -33.11
CA LYS B 24 -7.09 -29.86 -33.01
C LYS B 24 -5.71 -30.35 -32.59
N GLY B 25 -5.72 -31.45 -31.81
CA GLY B 25 -4.48 -32.07 -31.39
C GLY B 25 -4.32 -32.05 -29.86
N LYS B 26 -3.07 -31.86 -29.41
CA LYS B 26 -2.77 -31.83 -27.98
CA LYS B 26 -2.76 -31.82 -27.99
C LYS B 26 -3.59 -30.69 -27.37
N LEU B 27 -4.19 -30.97 -26.20
CA LEU B 27 -4.95 -29.92 -25.51
C LEU B 27 -3.98 -28.92 -24.87
N LEU B 28 -4.18 -27.64 -25.19
CA LEU B 28 -3.40 -26.53 -24.65
C LEU B 28 -4.41 -25.57 -23.98
N LEU B 29 -4.31 -25.41 -22.64
CA LEU B 29 -5.14 -24.44 -21.91
C LEU B 29 -4.41 -23.11 -21.70
N LEU B 30 -5.11 -22.00 -21.97
CA LEU B 30 -4.55 -20.69 -21.70
C LEU B 30 -5.41 -20.07 -20.60
N LEU B 31 -4.81 -19.72 -19.45
CA LEU B 31 -5.59 -19.23 -18.30
C LEU B 31 -5.20 -17.78 -17.96
N HIS B 32 -6.19 -16.86 -18.06
CA HIS B 32 -6.05 -15.42 -17.84
C HIS B 32 -6.00 -15.14 -16.32
N GLY B 33 -5.76 -13.86 -16.02
CA GLY B 33 -5.79 -13.38 -14.64
C GLY B 33 -6.65 -12.12 -14.52
N PHE B 34 -6.34 -11.26 -13.53
CA PHE B 34 -7.13 -10.08 -13.26
C PHE B 34 -6.57 -8.89 -14.01
N PRO B 35 -7.34 -7.95 -14.59
CA PRO B 35 -8.81 -7.98 -14.70
C PRO B 35 -9.20 -8.36 -16.15
N ASP B 36 -8.74 -9.54 -16.55
CA ASP B 36 -8.85 -10.00 -17.93
C ASP B 36 -9.96 -11.03 -18.06
N PHE B 37 -10.02 -11.66 -19.23
CA PHE B 37 -10.86 -12.84 -19.48
C PHE B 37 -10.23 -13.58 -20.65
N TRP B 38 -10.93 -14.51 -21.32
CA TRP B 38 -10.29 -15.27 -22.41
C TRP B 38 -9.63 -14.36 -23.46
N TYR B 39 -10.22 -13.19 -23.71
CA TYR B 39 -9.83 -12.25 -24.74
C TYR B 39 -8.37 -11.76 -24.60
N VAL B 40 -7.81 -11.77 -23.38
CA VAL B 40 -6.40 -11.41 -23.20
C VAL B 40 -5.48 -12.27 -24.10
N TRP B 41 -5.95 -13.45 -24.49
CA TRP B 41 -5.17 -14.38 -25.32
C TRP B 41 -5.46 -14.20 -26.83
N ARG B 42 -6.08 -13.09 -27.22
CA ARG B 42 -6.49 -12.85 -28.61
C ARG B 42 -5.33 -12.96 -29.64
N PHE B 43 -4.11 -12.57 -29.27
CA PHE B 43 -3.03 -12.62 -30.25
C PHE B 43 -2.44 -14.03 -30.34
N GLN B 44 -2.61 -14.86 -29.30
CA GLN B 44 -1.97 -16.17 -29.33
C GLN B 44 -2.90 -17.27 -29.83
N ILE B 45 -4.23 -17.13 -29.66
CA ILE B 45 -5.11 -18.27 -29.89
C ILE B 45 -5.04 -18.71 -31.37
N PRO B 46 -5.22 -17.83 -32.38
CA PRO B 46 -5.22 -18.27 -33.78
C PRO B 46 -3.89 -18.93 -34.18
N ALA B 47 -2.77 -18.34 -33.72
CA ALA B 47 -1.44 -18.83 -34.07
C ALA B 47 -1.18 -20.19 -33.46
N LEU B 48 -1.54 -20.37 -32.18
CA LEU B 48 -1.33 -21.68 -31.55
C LEU B 48 -2.32 -22.71 -32.09
N ALA B 49 -3.50 -22.27 -32.56
CA ALA B 49 -4.54 -23.21 -32.99
C ALA B 49 -4.10 -23.91 -34.29
N LYS B 50 -3.09 -23.35 -34.96
CA LYS B 50 -2.55 -24.00 -36.17
C LYS B 50 -2.00 -25.38 -35.82
N HIS B 51 -1.53 -25.57 -34.58
CA HIS B 51 -0.78 -26.76 -34.22
C HIS B 51 -1.43 -27.53 -33.06
N PHE B 52 -2.30 -26.87 -32.27
CA PHE B 52 -2.78 -27.43 -31.01
C PHE B 52 -4.30 -27.24 -30.89
N ARG B 53 -4.97 -27.99 -30.01
CA ARG B 53 -6.34 -27.75 -29.61
C ARG B 53 -6.33 -26.73 -28.45
N VAL B 54 -6.53 -25.47 -28.77
CA VAL B 54 -6.41 -24.38 -27.81
C VAL B 54 -7.74 -24.24 -27.09
N VAL B 55 -7.71 -24.14 -25.76
CA VAL B 55 -8.91 -23.88 -24.97
C VAL B 55 -8.56 -22.74 -24.01
N ALA B 56 -9.34 -21.64 -24.06
CA ALA B 56 -9.10 -20.48 -23.20
C ALA B 56 -10.40 -20.21 -22.43
N PRO B 57 -10.50 -20.63 -21.14
CA PRO B 57 -11.75 -20.51 -20.37
C PRO B 57 -11.81 -19.12 -19.74
N ASP B 58 -13.03 -18.74 -19.36
CA ASP B 58 -13.18 -17.67 -18.37
C ASP B 58 -13.13 -18.34 -17.00
N LEU B 59 -12.24 -17.87 -16.10
CA LEU B 59 -12.17 -18.52 -14.79
C LEU B 59 -13.45 -18.21 -13.96
N ARG B 60 -13.58 -18.94 -12.88
CA ARG B 60 -14.70 -18.75 -11.94
C ARG B 60 -14.84 -17.27 -11.57
N GLY B 61 -16.06 -16.71 -11.76
CA GLY B 61 -16.29 -15.32 -11.42
C GLY B 61 -16.21 -14.38 -12.61
N TYR B 62 -15.64 -14.83 -13.74
CA TYR B 62 -15.31 -13.92 -14.79
C TYR B 62 -16.24 -14.06 -16.01
N ASN B 63 -16.50 -12.93 -16.67
CA ASN B 63 -17.13 -12.84 -17.99
C ASN B 63 -18.36 -13.73 -18.10
N GLU B 64 -18.31 -14.82 -18.90
CA GLU B 64 -19.47 -15.66 -19.17
C GLU B 64 -19.49 -16.91 -18.29
N THR B 65 -18.52 -17.06 -17.38
CA THR B 65 -18.49 -18.18 -16.47
C THR B 65 -19.36 -17.89 -15.26
N ASP B 66 -19.81 -18.96 -14.58
CA ASP B 66 -20.64 -18.81 -13.37
C ASP B 66 -19.89 -18.04 -12.28
N LYS B 67 -20.65 -17.40 -11.38
CA LYS B 67 -20.08 -16.51 -10.36
C LYS B 67 -20.76 -16.77 -9.02
N PRO B 68 -20.34 -17.81 -8.29
CA PRO B 68 -20.95 -18.16 -7.02
C PRO B 68 -20.80 -17.01 -6.04
N GLU B 69 -21.76 -16.86 -5.13
CA GLU B 69 -21.66 -15.83 -4.11
CA GLU B 69 -21.70 -15.83 -4.10
C GLU B 69 -20.78 -16.29 -2.97
N GLY B 70 -20.03 -15.34 -2.39
CA GLY B 70 -19.29 -15.63 -1.16
C GLY B 70 -17.78 -15.75 -1.37
N VAL B 71 -17.01 -15.06 -0.53
CA VAL B 71 -15.55 -15.10 -0.57
C VAL B 71 -14.99 -16.52 -0.53
N GLU B 72 -15.53 -17.42 0.32
CA GLU B 72 -14.92 -18.74 0.44
CA GLU B 72 -15.06 -18.80 0.48
C GLU B 72 -15.10 -19.59 -0.83
N ASN B 73 -15.96 -19.18 -1.76
CA ASN B 73 -16.08 -19.91 -3.03
C ASN B 73 -14.95 -19.52 -4.02
N TYR B 74 -14.00 -18.66 -3.59
CA TYR B 74 -12.89 -18.28 -4.46
C TYR B 74 -11.53 -18.74 -3.91
N ARG B 75 -11.52 -19.65 -2.95
CA ARG B 75 -10.27 -20.17 -2.41
CA ARG B 75 -10.30 -20.22 -2.40
C ARG B 75 -9.50 -20.95 -3.49
N LEU B 76 -8.16 -20.88 -3.46
CA LEU B 76 -7.29 -21.42 -4.50
CA LEU B 76 -7.30 -21.41 -4.51
C LEU B 76 -7.58 -22.89 -4.78
N ASP B 77 -7.85 -23.67 -3.73
CA ASP B 77 -8.08 -25.10 -3.94
C ASP B 77 -9.27 -25.32 -4.89
N LEU B 78 -10.34 -24.53 -4.75
CA LEU B 78 -11.52 -24.62 -5.60
C LEU B 78 -11.20 -24.17 -7.03
N LEU B 79 -10.40 -23.11 -7.18
CA LEU B 79 -10.04 -22.62 -8.50
C LEU B 79 -9.27 -23.72 -9.26
N ALA B 80 -8.33 -24.41 -8.60
CA ALA B 80 -7.53 -25.40 -9.29
C ALA B 80 -8.41 -26.61 -9.64
N LYS B 81 -9.36 -26.94 -8.75
CA LYS B 81 -10.29 -28.03 -9.03
C LYS B 81 -11.21 -27.72 -10.21
N ASP B 82 -11.57 -26.46 -10.42
CA ASP B 82 -12.31 -26.08 -11.62
C ASP B 82 -11.51 -26.48 -12.86
N ILE B 83 -10.19 -26.22 -12.84
CA ILE B 83 -9.39 -26.48 -14.03
C ILE B 83 -9.18 -27.98 -14.20
N LEU B 84 -8.97 -28.73 -13.11
CA LEU B 84 -8.90 -30.18 -13.23
C LEU B 84 -10.17 -30.71 -13.89
N GLY B 85 -11.30 -30.19 -13.41
CA GLY B 85 -12.60 -30.57 -13.90
C GLY B 85 -12.75 -30.24 -15.38
N LEU B 86 -12.25 -29.07 -15.79
CA LEU B 86 -12.34 -28.65 -17.18
C LEU B 86 -11.63 -29.67 -18.09
N ILE B 87 -10.41 -30.06 -17.70
CA ILE B 87 -9.63 -31.00 -18.52
C ILE B 87 -10.45 -32.27 -18.76
N LYS B 88 -11.09 -32.78 -17.69
CA LYS B 88 -11.87 -33.99 -17.81
CA LYS B 88 -11.89 -33.99 -17.77
C LYS B 88 -13.12 -33.77 -18.66
N ALA B 89 -13.79 -32.64 -18.47
CA ALA B 89 -15.01 -32.32 -19.20
C ALA B 89 -14.72 -32.18 -20.70
N LEU B 90 -13.46 -31.88 -21.06
CA LEU B 90 -13.05 -31.73 -22.45
C LEU B 90 -12.68 -33.11 -23.05
N GLY B 91 -12.80 -34.15 -22.22
CA GLY B 91 -12.60 -35.53 -22.60
C GLY B 91 -11.13 -35.94 -22.51
N GLU B 92 -10.33 -35.20 -21.72
CA GLU B 92 -8.91 -35.45 -21.61
C GLU B 92 -8.52 -35.92 -20.22
N GLU B 93 -7.23 -36.26 -20.07
CA GLU B 93 -6.68 -36.66 -18.79
CA GLU B 93 -6.66 -36.69 -18.81
C GLU B 93 -5.51 -35.73 -18.42
N HIS B 94 -5.01 -34.98 -19.40
CA HIS B 94 -3.97 -34.02 -19.13
C HIS B 94 -3.95 -32.96 -20.21
N ALA B 95 -3.15 -31.93 -19.93
CA ALA B 95 -3.12 -30.76 -20.80
C ALA B 95 -1.77 -30.11 -20.65
N VAL B 96 -1.36 -29.36 -21.68
CA VAL B 96 -0.30 -28.39 -21.48
C VAL B 96 -1.03 -27.16 -20.89
N VAL B 97 -0.47 -26.61 -19.80
CA VAL B 97 -1.18 -25.53 -19.10
C VAL B 97 -0.33 -24.26 -19.12
N VAL B 98 -0.87 -23.13 -19.66
CA VAL B 98 -0.19 -21.84 -19.73
C VAL B 98 -1.05 -20.87 -18.89
N GLY B 99 -0.45 -20.21 -17.90
CA GLY B 99 -1.22 -19.33 -17.03
C GLY B 99 -0.50 -17.99 -16.81
N HIS B 100 -1.26 -16.90 -16.86
CA HIS B 100 -0.80 -15.53 -16.65
C HIS B 100 -1.46 -15.01 -15.36
N ASP B 101 -0.71 -14.35 -14.48
CA ASP B 101 -1.30 -13.67 -13.32
C ASP B 101 -2.04 -14.70 -12.45
N TRP B 102 -3.34 -14.52 -12.10
CA TRP B 102 -4.03 -15.50 -11.29
C TRP B 102 -4.08 -16.85 -12.00
N GLY B 103 -4.23 -16.80 -13.33
CA GLY B 103 -4.22 -18.05 -14.08
C GLY B 103 -2.94 -18.83 -13.83
N GLY B 104 -1.82 -18.12 -13.74
CA GLY B 104 -0.54 -18.72 -13.40
C GLY B 104 -0.47 -19.24 -11.96
N ILE B 105 -1.01 -18.47 -10.98
CA ILE B 105 -1.06 -18.95 -9.61
CA ILE B 105 -1.11 -18.93 -9.61
C ILE B 105 -1.85 -20.27 -9.56
N ILE B 106 -2.95 -20.31 -10.31
CA ILE B 106 -3.76 -21.52 -10.33
C ILE B 106 -2.97 -22.67 -11.00
N SER B 107 -2.21 -22.33 -12.04
CA SER B 107 -1.49 -23.36 -12.81
C SER B 107 -0.37 -23.93 -11.94
N TRP B 108 0.36 -23.05 -11.22
CA TRP B 108 1.32 -23.58 -10.26
C TRP B 108 0.68 -24.56 -9.29
N THR B 109 -0.53 -24.20 -8.80
CA THR B 109 -1.20 -24.98 -7.78
C THR B 109 -1.65 -26.33 -8.38
N LEU B 110 -2.34 -26.26 -9.53
CA LEU B 110 -2.85 -27.46 -10.20
C LEU B 110 -1.67 -28.43 -10.43
N THR B 111 -0.56 -27.86 -10.88
CA THR B 111 0.59 -28.67 -11.28
C THR B 111 1.24 -29.36 -10.08
N ALA B 112 1.42 -28.59 -9.00
CA ALA B 112 2.06 -29.11 -7.79
C ALA B 112 1.28 -30.27 -7.19
N PHE B 113 -0.06 -30.15 -7.14
CA PHE B 113 -0.87 -31.13 -6.46
C PHE B 113 -1.36 -32.23 -7.42
N ASN B 114 -1.36 -31.96 -8.73
CA ASN B 114 -1.92 -32.91 -9.69
C ASN B 114 -1.00 -33.05 -10.90
N PRO B 115 0.26 -33.49 -10.72
CA PRO B 115 1.23 -33.53 -11.81
C PRO B 115 0.75 -34.43 -12.96
N GLN B 116 -0.13 -35.40 -12.65
CA GLN B 116 -0.65 -36.32 -13.65
CA GLN B 116 -0.70 -36.32 -13.61
C GLN B 116 -1.54 -35.59 -14.67
N ALA B 117 -2.09 -34.42 -14.31
CA ALA B 117 -3.00 -33.72 -15.20
C ALA B 117 -2.25 -32.71 -16.07
N VAL B 118 -0.95 -32.58 -15.86
CA VAL B 118 -0.23 -31.51 -16.54
C VAL B 118 0.94 -32.10 -17.30
N GLU B 119 0.95 -31.95 -18.63
CA GLU B 119 2.06 -32.46 -19.42
C GLU B 119 3.29 -31.55 -19.31
N LYS B 120 3.09 -30.24 -19.50
CA LYS B 120 4.11 -29.23 -19.32
C LYS B 120 3.41 -27.98 -18.77
N LEU B 121 4.19 -27.13 -18.09
CA LEU B 121 3.66 -25.92 -17.43
C LEU B 121 4.35 -24.67 -17.97
N VAL B 122 3.58 -23.67 -18.40
CA VAL B 122 4.13 -22.39 -18.79
C VAL B 122 3.50 -21.32 -17.87
N ILE B 123 4.36 -20.49 -17.28
CA ILE B 123 3.90 -19.44 -16.36
C ILE B 123 4.31 -18.11 -16.97
N LEU B 124 3.40 -17.12 -17.12
CA LEU B 124 3.74 -15.78 -17.52
C LEU B 124 3.46 -14.85 -16.35
N ASN B 125 4.48 -14.20 -15.81
CA ASN B 125 4.31 -13.14 -14.80
C ASN B 125 3.28 -13.53 -13.73
N ALA B 126 3.58 -14.62 -13.03
CA ALA B 126 2.76 -15.07 -11.92
C ALA B 126 3.70 -15.65 -10.88
N PRO B 127 3.70 -15.15 -9.63
CA PRO B 127 4.58 -15.73 -8.63
C PRO B 127 4.11 -17.12 -8.22
N HIS B 128 5.07 -17.99 -7.87
CA HIS B 128 4.73 -19.23 -7.19
C HIS B 128 3.98 -18.86 -5.91
N PRO B 129 2.81 -19.46 -5.59
CA PRO B 129 2.03 -19.04 -4.43
C PRO B 129 2.81 -19.12 -3.13
N LYS B 130 3.66 -20.13 -3.00
CA LYS B 130 4.43 -20.26 -1.78
C LYS B 130 5.56 -19.21 -1.69
N ALA B 131 6.13 -18.79 -2.82
CA ALA B 131 7.08 -17.67 -2.81
C ALA B 131 6.36 -16.39 -2.37
N TYR B 132 5.16 -16.12 -2.90
CA TYR B 132 4.39 -14.97 -2.45
C TYR B 132 4.15 -15.05 -0.94
N MET B 133 3.66 -16.21 -0.44
CA MET B 133 3.24 -16.34 0.94
CA MET B 133 3.24 -16.32 0.95
C MET B 133 4.46 -16.28 1.88
N THR B 134 5.60 -16.83 1.45
CA THR B 134 6.82 -16.82 2.25
C THR B 134 7.48 -15.43 2.22
N ARG B 135 7.62 -14.81 1.03
CA ARG B 135 8.59 -13.74 0.85
CA ARG B 135 8.60 -13.74 0.87
C ARG B 135 7.99 -12.34 0.96
N THR B 136 6.68 -12.22 0.65
CA THR B 136 6.11 -10.85 0.55
C THR B 136 6.27 -10.07 1.86
N LYS B 137 6.03 -10.73 2.97
CA LYS B 137 6.07 -9.99 4.25
C LYS B 137 7.48 -9.46 4.55
N ASN B 138 8.51 -10.01 3.91
CA ASN B 138 9.89 -9.61 4.12
C ASN B 138 10.41 -8.76 2.97
N SER B 139 9.54 -8.28 2.07
CA SER B 139 10.00 -7.53 0.92
C SER B 139 9.22 -6.22 0.90
N LEU B 140 9.86 -5.09 1.27
CA LEU B 140 9.19 -3.80 1.19
C LEU B 140 8.73 -3.57 -0.24
N ARG B 141 9.55 -3.91 -1.25
CA ARG B 141 9.14 -3.61 -2.62
CA ARG B 141 9.18 -3.66 -2.63
C ARG B 141 7.90 -4.40 -3.00
N GLN B 142 7.80 -5.68 -2.60
CA GLN B 142 6.58 -6.41 -2.92
C GLN B 142 5.36 -5.86 -2.15
N LEU B 143 5.52 -5.53 -0.85
CA LEU B 143 4.38 -5.00 -0.12
C LEU B 143 3.89 -3.73 -0.81
N GLN B 144 4.80 -2.85 -1.21
CA GLN B 144 4.41 -1.62 -1.91
C GLN B 144 3.67 -1.92 -3.22
N LYS B 145 4.22 -2.84 -4.04
CA LYS B 145 3.55 -3.15 -5.31
C LYS B 145 2.19 -3.79 -5.06
N SER B 146 2.01 -4.49 -3.93
CA SER B 146 0.72 -5.06 -3.56
C SER B 146 -0.20 -4.11 -2.80
N TRP B 147 -0.05 -2.77 -2.95
CA TRP B 147 -0.95 -1.85 -2.27
C TRP B 147 -2.42 -2.22 -2.61
N TYR B 148 -2.66 -2.60 -3.87
CA TYR B 148 -4.06 -2.76 -4.32
C TYR B 148 -4.61 -4.05 -3.75
N VAL B 149 -3.73 -5.04 -3.46
CA VAL B 149 -4.20 -6.27 -2.79
C VAL B 149 -4.81 -5.89 -1.43
N PHE B 150 -4.17 -4.93 -0.69
CA PHE B 150 -4.75 -4.50 0.58
C PHE B 150 -6.02 -3.68 0.36
N PHE B 151 -6.03 -2.81 -0.67
CA PHE B 151 -7.22 -2.02 -1.02
C PHE B 151 -8.45 -2.94 -1.22
N PHE B 152 -8.21 -4.04 -1.95
CA PHE B 152 -9.30 -4.96 -2.35
C PHE B 152 -9.87 -5.74 -1.16
N GLN B 153 -9.24 -5.68 0.02
CA GLN B 153 -9.73 -6.47 1.15
C GLN B 153 -11.02 -5.85 1.69
N VAL B 154 -11.23 -4.54 1.48
CA VAL B 154 -12.40 -3.95 2.12
CA VAL B 154 -12.38 -3.80 2.01
C VAL B 154 -13.64 -4.21 1.25
N ALA B 155 -14.76 -4.47 1.94
CA ALA B 155 -16.05 -4.72 1.27
C ALA B 155 -16.66 -3.47 0.61
N ASN B 156 -17.27 -3.71 -0.55
CA ASN B 156 -18.14 -2.79 -1.25
C ASN B 156 -17.42 -1.62 -1.89
N ILE B 157 -16.54 -0.95 -1.14
CA ILE B 157 -16.00 0.30 -1.60
CA ILE B 157 -15.97 0.30 -1.57
C ILE B 157 -15.10 0.12 -2.80
N PRO B 158 -14.23 -0.93 -2.89
CA PRO B 158 -13.40 -1.09 -4.09
C PRO B 158 -14.24 -1.30 -5.36
N GLU B 159 -15.28 -2.10 -5.25
CA GLU B 159 -16.18 -2.29 -6.39
C GLU B 159 -16.71 -0.97 -6.92
N LYS B 160 -17.13 -0.10 -5.98
CA LYS B 160 -17.65 1.23 -6.32
C LYS B 160 -16.62 2.06 -7.03
N ILE B 161 -15.42 2.17 -6.43
CA ILE B 161 -14.39 2.98 -7.02
C ILE B 161 -13.98 2.46 -8.39
N LEU B 162 -13.78 1.13 -8.53
CA LEU B 162 -13.23 0.58 -9.76
C LEU B 162 -14.19 0.76 -10.96
N SER B 163 -15.47 0.76 -10.66
CA SER B 163 -16.53 0.75 -11.67
C SER B 163 -17.06 2.15 -12.03
N ARG B 164 -16.77 3.18 -11.24
CA ARG B 164 -17.29 4.53 -11.48
C ARG B 164 -16.81 5.06 -12.81
N ASN B 165 -17.65 5.89 -13.46
CA ASN B 165 -17.25 6.57 -14.68
CA ASN B 165 -17.19 6.57 -14.66
C ASN B 165 -16.78 5.56 -15.73
N GLU B 166 -17.61 4.52 -15.93
CA GLU B 166 -17.37 3.49 -16.95
CA GLU B 166 -17.39 3.49 -16.95
C GLU B 166 -16.00 2.86 -16.74
N PHE B 167 -15.75 2.41 -15.51
CA PHE B 167 -14.53 1.68 -15.13
C PHE B 167 -13.25 2.50 -15.36
N ALA B 168 -13.33 3.82 -15.18
CA ALA B 168 -12.16 4.65 -15.42
C ALA B 168 -10.97 4.15 -14.58
N PHE B 169 -11.25 3.72 -13.34
CA PHE B 169 -10.19 3.29 -12.44
C PHE B 169 -9.47 2.07 -12.99
N LEU B 170 -10.26 1.02 -13.33
CA LEU B 170 -9.71 -0.23 -13.85
CA LEU B 170 -9.72 -0.22 -13.85
C LEU B 170 -8.99 0.02 -15.16
N LYS B 171 -9.57 0.85 -16.03
CA LYS B 171 -8.88 1.17 -17.27
C LYS B 171 -7.51 1.75 -16.93
N ASN B 172 -7.46 2.62 -15.91
CA ASN B 172 -6.21 3.32 -15.60
C ASN B 172 -5.18 2.34 -15.04
N MET B 173 -5.65 1.38 -14.23
CA MET B 173 -4.78 0.35 -13.69
CA MET B 173 -4.81 0.33 -13.69
C MET B 173 -4.06 -0.36 -14.84
N LEU B 174 -4.83 -0.72 -15.89
CA LEU B 174 -4.24 -1.40 -17.02
C LEU B 174 -3.26 -0.48 -17.75
N ILE B 175 -3.76 0.69 -18.11
CA ILE B 175 -2.98 1.59 -18.96
C ILE B 175 -1.66 1.95 -18.29
N GLN B 176 -1.67 2.20 -16.96
CA GLN B 176 -0.43 2.51 -16.26
C GLN B 176 0.51 1.31 -16.16
N SER B 177 0.03 0.10 -16.46
CA SER B 177 0.83 -1.10 -16.30
C SER B 177 1.57 -1.45 -17.59
N PHE B 178 1.16 -0.86 -18.72
CA PHE B 178 1.75 -1.26 -19.98
C PHE B 178 3.00 -0.41 -20.28
N VAL B 179 3.96 -1.01 -20.99
CA VAL B 179 5.22 -0.37 -21.30
C VAL B 179 5.06 0.60 -22.46
N ARG B 180 4.03 0.37 -23.30
CA ARG B 180 3.75 1.20 -24.46
C ARG B 180 2.38 1.85 -24.32
N ARG B 181 2.27 3.10 -24.82
CA ARG B 181 1.04 3.87 -24.84
C ARG B 181 0.08 3.30 -25.88
N ASP B 182 -1.23 3.47 -25.64
CA ASP B 182 -2.26 3.11 -26.62
C ASP B 182 -2.15 1.64 -27.06
N LEU B 183 -1.76 0.78 -26.12
CA LEU B 183 -1.75 -0.66 -26.42
C LEU B 183 -3.18 -1.18 -26.62
N LEU B 184 -4.16 -0.66 -25.88
CA LEU B 184 -5.54 -1.08 -26.12
C LEU B 184 -6.24 -0.07 -27.02
N THR B 185 -6.92 -0.58 -28.06
CA THR B 185 -7.72 0.24 -28.97
C THR B 185 -9.02 0.63 -28.28
N GLU B 186 -9.74 1.63 -28.84
CA GLU B 186 -11.06 1.96 -28.32
C GLU B 186 -11.95 0.73 -28.33
N GLU B 187 -11.79 -0.08 -29.38
CA GLU B 187 -12.53 -1.32 -29.56
CA GLU B 187 -12.57 -1.29 -29.55
C GLU B 187 -12.24 -2.29 -28.42
N ASP B 188 -10.94 -2.46 -28.10
CA ASP B 188 -10.56 -3.36 -27.02
C ASP B 188 -11.22 -2.92 -25.70
N LEU B 189 -11.17 -1.62 -25.43
CA LEU B 189 -11.71 -1.07 -24.20
C LEU B 189 -13.22 -1.32 -24.11
N ARG B 190 -13.93 -1.23 -25.25
CA ARG B 190 -15.36 -1.52 -25.24
C ARG B 190 -15.57 -2.98 -24.84
N ILE B 191 -14.74 -3.87 -25.38
CA ILE B 191 -14.89 -5.30 -25.10
C ILE B 191 -14.55 -5.57 -23.62
N TYR B 192 -13.50 -4.91 -23.11
CA TYR B 192 -13.21 -5.08 -21.68
C TYR B 192 -14.36 -4.61 -20.81
N VAL B 193 -14.92 -3.44 -21.14
CA VAL B 193 -15.99 -2.89 -20.32
C VAL B 193 -17.19 -3.84 -20.33
N ASP B 194 -17.45 -4.45 -21.50
CA ASP B 194 -18.56 -5.37 -21.64
C ASP B 194 -18.37 -6.53 -20.66
N ALA B 195 -17.13 -7.07 -20.57
CA ALA B 195 -16.89 -8.18 -19.66
C ALA B 195 -16.93 -7.72 -18.20
N TRP B 196 -16.34 -6.55 -17.91
CA TRP B 196 -16.36 -6.09 -16.52
C TRP B 196 -17.78 -5.84 -16.01
N SER B 197 -18.67 -5.50 -16.95
CA SER B 197 -20.02 -5.07 -16.63
C SER B 197 -20.93 -6.26 -16.37
N LYS B 198 -20.50 -7.51 -16.66
CA LYS B 198 -21.35 -8.67 -16.47
C LYS B 198 -21.74 -8.72 -14.99
N SER B 199 -23.03 -8.97 -14.70
CA SER B 199 -23.51 -8.92 -13.34
CA SER B 199 -23.50 -8.90 -13.33
C SER B 199 -22.68 -9.81 -12.42
N GLY B 200 -22.11 -9.23 -11.34
CA GLY B 200 -21.38 -10.01 -10.35
C GLY B 200 -19.88 -10.20 -10.67
N ALA B 201 -19.41 -9.75 -11.85
CA ALA B 201 -18.05 -10.11 -12.30
C ALA B 201 -17.00 -9.45 -11.40
N LEU B 202 -17.18 -8.17 -11.13
CA LEU B 202 -16.16 -7.42 -10.43
C LEU B 202 -16.01 -7.90 -9.00
N THR B 203 -17.11 -8.08 -8.27
CA THR B 203 -17.01 -8.60 -6.91
C THR B 203 -16.38 -9.99 -6.88
N SER B 204 -16.76 -10.88 -7.83
CA SER B 204 -16.14 -12.21 -7.83
C SER B 204 -14.62 -12.14 -8.09
N ALA B 205 -14.22 -11.26 -9.01
CA ALA B 205 -12.78 -11.08 -9.27
C ALA B 205 -12.05 -10.65 -7.99
N LEU B 206 -12.65 -9.67 -7.26
CA LEU B 206 -11.95 -9.16 -6.07
C LEU B 206 -11.94 -10.20 -4.97
N ASN B 207 -12.90 -11.12 -5.00
CA ASN B 207 -12.95 -12.20 -4.01
C ASN B 207 -11.73 -13.12 -4.08
N TYR B 208 -11.07 -13.24 -5.25
CA TYR B 208 -9.83 -14.03 -5.23
C TYR B 208 -8.80 -13.45 -4.23
N TYR B 209 -8.72 -12.12 -4.15
CA TYR B 209 -7.74 -11.50 -3.24
C TYR B 209 -8.18 -11.65 -1.78
N ARG B 210 -9.49 -11.51 -1.56
CA ARG B 210 -10.02 -11.60 -0.21
C ARG B 210 -9.86 -13.02 0.31
N ALA B 211 -10.04 -14.04 -0.58
CA ALA B 211 -9.95 -15.42 -0.12
C ALA B 211 -8.51 -15.85 0.07
N ASN B 212 -7.59 -15.39 -0.79
CA ASN B 212 -6.28 -16.02 -0.87
C ASN B 212 -5.10 -15.14 -0.44
N LEU B 213 -5.32 -13.80 -0.33
CA LEU B 213 -4.21 -12.86 -0.15
C LEU B 213 -4.62 -11.90 0.96
N ASN B 214 -5.43 -12.39 1.90
CA ASN B 214 -5.84 -11.52 3.01
C ASN B 214 -4.67 -11.38 3.97
N PRO B 215 -4.66 -10.34 4.84
CA PRO B 215 -3.46 -10.12 5.65
C PRO B 215 -3.10 -11.24 6.61
N ASP B 216 -4.11 -12.02 7.06
CA ASP B 216 -3.83 -13.16 7.91
C ASP B 216 -2.96 -14.17 7.16
N ILE B 217 -3.19 -14.33 5.85
CA ILE B 217 -2.35 -15.23 5.06
C ILE B 217 -0.98 -14.61 4.82
N ILE B 218 -0.93 -13.35 4.35
CA ILE B 218 0.35 -12.75 4.00
C ILE B 218 1.29 -12.70 5.20
N PHE B 219 0.76 -12.36 6.41
CA PHE B 219 1.68 -12.17 7.51
C PHE B 219 1.71 -13.38 8.45
N SER B 220 1.10 -14.51 8.03
CA SER B 220 1.17 -15.78 8.76
C SER B 220 2.62 -16.21 8.97
N GLU B 221 2.93 -16.85 10.10
CA GLU B 221 4.29 -17.33 10.29
C GLU B 221 4.32 -18.84 10.06
N LYS B 222 3.17 -19.42 9.70
CA LYS B 222 3.09 -20.86 9.47
C LYS B 222 3.83 -21.20 8.17
N THR B 223 4.38 -22.41 8.10
CA THR B 223 4.97 -22.86 6.85
C THR B 223 3.87 -23.38 5.95
N VAL B 224 3.97 -23.04 4.66
CA VAL B 224 2.96 -23.46 3.70
C VAL B 224 3.47 -24.78 3.10
N VAL B 225 2.56 -25.77 2.96
CA VAL B 225 2.91 -27.09 2.46
C VAL B 225 2.56 -27.12 0.97
N PHE B 226 3.60 -27.21 0.14
CA PHE B 226 3.44 -27.14 -1.30
C PHE B 226 4.39 -28.15 -1.94
N PRO B 227 3.89 -29.23 -2.59
CA PRO B 227 4.79 -30.19 -3.25
C PRO B 227 5.62 -29.52 -4.34
N LYS B 228 6.82 -30.05 -4.59
CA LYS B 228 7.66 -29.56 -5.68
C LYS B 228 6.98 -29.83 -7.03
N ILE B 229 7.26 -28.98 -8.01
CA ILE B 229 6.78 -29.13 -9.37
C ILE B 229 7.61 -30.26 -10.01
N LYS B 230 6.93 -31.25 -10.58
CA LYS B 230 7.56 -32.46 -11.11
CA LYS B 230 7.62 -32.42 -11.12
C LYS B 230 7.42 -32.54 -12.63
N VAL B 231 7.01 -31.46 -13.31
CA VAL B 231 6.86 -31.53 -14.76
C VAL B 231 7.70 -30.39 -15.36
N PRO B 232 8.16 -30.51 -16.62
CA PRO B 232 8.95 -29.45 -17.27
C PRO B 232 8.18 -28.12 -17.21
N THR B 233 8.90 -27.07 -16.82
CA THR B 233 8.29 -25.77 -16.61
C THR B 233 9.07 -24.69 -17.34
N LEU B 234 8.35 -23.76 -17.98
CA LEU B 234 8.92 -22.57 -18.58
C LEU B 234 8.28 -21.37 -17.90
N VAL B 235 9.12 -20.45 -17.41
CA VAL B 235 8.62 -19.19 -16.89
C VAL B 235 8.97 -18.10 -17.89
N ILE B 236 7.98 -17.32 -18.29
CA ILE B 236 8.22 -16.12 -19.10
C ILE B 236 7.98 -14.94 -18.20
N TRP B 237 8.91 -13.97 -18.20
CA TRP B 237 8.82 -12.88 -17.24
C TRP B 237 9.18 -11.52 -17.84
N GLY B 238 8.18 -10.66 -17.98
CA GLY B 238 8.36 -9.26 -18.30
C GLY B 238 8.94 -8.52 -17.09
N GLU B 239 10.10 -7.89 -17.29
CA GLU B 239 10.83 -7.38 -16.12
C GLU B 239 10.26 -6.07 -15.57
N LYS B 240 9.50 -5.32 -16.37
CA LYS B 240 8.95 -4.05 -15.92
C LYS B 240 7.55 -4.26 -15.33
N ASP B 241 7.39 -5.30 -14.51
CA ASP B 241 6.11 -5.65 -13.89
C ASP B 241 5.79 -4.70 -12.73
N VAL B 242 4.72 -3.87 -12.84
CA VAL B 242 4.38 -2.99 -11.74
C VAL B 242 3.77 -3.76 -10.53
N ALA B 243 3.35 -5.03 -10.69
CA ALA B 243 2.62 -5.72 -9.63
C ALA B 243 3.47 -6.76 -8.90
N ILE B 244 4.57 -7.20 -9.51
CA ILE B 244 5.39 -8.25 -8.92
C ILE B 244 6.86 -7.84 -8.88
N SER B 245 7.47 -7.99 -7.70
CA SER B 245 8.89 -7.71 -7.51
C SER B 245 9.69 -8.92 -8.01
N LYS B 246 10.87 -8.66 -8.59
CA LYS B 246 11.82 -9.71 -8.94
C LYS B 246 12.18 -10.55 -7.71
N ASP B 247 12.04 -10.02 -6.48
CA ASP B 247 12.22 -10.77 -5.25
C ASP B 247 11.43 -12.10 -5.24
N LEU B 248 10.26 -12.14 -5.91
CA LEU B 248 9.40 -13.30 -5.79
C LEU B 248 9.73 -14.36 -6.83
N ILE B 249 10.52 -14.03 -7.86
CA ILE B 249 10.72 -14.93 -8.98
CA ILE B 249 10.66 -15.05 -8.89
C ILE B 249 12.06 -15.66 -8.86
N VAL B 250 13.00 -15.03 -8.16
CA VAL B 250 14.32 -15.65 -8.09
C VAL B 250 14.34 -16.93 -7.25
N ASN B 251 15.33 -17.82 -7.49
CA ASN B 251 15.62 -18.93 -6.58
C ASN B 251 14.45 -19.91 -6.51
N MET B 252 14.03 -20.39 -7.67
CA MET B 252 12.92 -21.31 -7.74
C MET B 252 13.33 -22.74 -7.43
N GLU B 253 14.61 -22.97 -7.10
CA GLU B 253 15.15 -24.31 -7.04
C GLU B 253 14.39 -25.16 -6.02
N ASP B 254 14.05 -24.53 -4.89
CA ASP B 254 13.37 -25.24 -3.81
C ASP B 254 11.96 -25.66 -4.22
N PHE B 255 11.42 -25.06 -5.30
CA PHE B 255 10.01 -25.25 -5.63
C PHE B 255 9.83 -26.24 -6.77
N ILE B 256 10.89 -26.46 -7.56
CA ILE B 256 10.78 -27.17 -8.83
C ILE B 256 11.82 -28.31 -8.87
N GLU B 257 11.35 -29.56 -9.02
CA GLU B 257 12.18 -30.75 -9.17
CA GLU B 257 12.21 -30.72 -9.19
C GLU B 257 11.93 -31.36 -10.55
N ALA B 258 12.28 -30.62 -11.61
CA ALA B 258 12.08 -30.98 -13.00
C ALA B 258 12.84 -29.97 -13.83
N PRO B 259 13.06 -30.21 -15.13
CA PRO B 259 13.62 -29.20 -16.02
C PRO B 259 12.80 -27.92 -15.87
N TYR B 260 13.52 -26.81 -15.73
CA TYR B 260 12.97 -25.49 -15.56
CA TYR B 260 12.91 -25.51 -15.67
C TYR B 260 13.82 -24.52 -16.37
N SER B 261 13.18 -23.65 -17.16
CA SER B 261 13.89 -22.53 -17.73
C SER B 261 13.05 -21.26 -17.58
N ILE B 262 13.75 -20.12 -17.59
CA ILE B 262 13.08 -18.84 -17.47
C ILE B 262 13.58 -17.95 -18.59
N LYS B 263 12.65 -17.32 -19.29
CA LYS B 263 12.96 -16.37 -20.34
CA LYS B 263 12.98 -16.36 -20.33
C LYS B 263 12.54 -14.99 -19.84
N TYR B 264 13.51 -14.09 -19.72
CA TYR B 264 13.23 -12.73 -19.30
C TYR B 264 13.01 -11.86 -20.52
N PHE B 265 12.04 -10.95 -20.38
CA PHE B 265 11.71 -9.94 -21.37
C PHE B 265 11.97 -8.59 -20.72
N PRO B 266 13.19 -8.03 -20.87
CA PRO B 266 13.58 -6.84 -20.10
C PRO B 266 12.80 -5.56 -20.45
N GLU B 267 12.19 -5.53 -21.65
CA GLU B 267 11.48 -4.33 -22.09
CA GLU B 267 11.49 -4.36 -22.18
C GLU B 267 9.97 -4.48 -21.98
N CYS B 268 9.50 -5.58 -21.38
CA CYS B 268 8.06 -5.81 -21.26
C CYS B 268 7.65 -5.76 -19.79
N GLY B 269 6.35 -5.53 -19.57
CA GLY B 269 5.76 -5.47 -18.25
C GLY B 269 4.95 -6.71 -17.93
N HIS B 270 4.00 -6.53 -17.02
CA HIS B 270 3.14 -7.61 -16.55
C HIS B 270 2.41 -8.25 -17.73
N TRP B 271 1.91 -7.45 -18.71
CA TRP B 271 1.12 -8.03 -19.81
C TRP B 271 2.01 -8.40 -21.00
N VAL B 272 2.96 -9.29 -20.75
CA VAL B 272 3.99 -9.65 -21.70
C VAL B 272 3.34 -10.21 -22.97
N GLN B 273 2.22 -10.97 -22.86
CA GLN B 273 1.61 -11.59 -24.03
C GLN B 273 0.99 -10.52 -24.96
N LEU B 274 0.79 -9.29 -24.48
CA LEU B 274 0.19 -8.24 -25.29
C LEU B 274 1.31 -7.36 -25.87
N GLU B 275 2.45 -7.29 -25.16
CA GLU B 275 3.55 -6.39 -25.52
C GLU B 275 4.47 -7.03 -26.57
N GLU B 276 4.76 -8.32 -26.42
CA GLU B 276 5.57 -9.06 -27.39
C GLU B 276 4.81 -10.33 -27.82
N PRO B 277 3.64 -10.20 -28.50
CA PRO B 277 2.75 -11.35 -28.70
C PRO B 277 3.37 -12.46 -29.52
N GLU B 278 4.20 -12.09 -30.50
CA GLU B 278 4.80 -13.09 -31.40
C GLU B 278 5.91 -13.85 -30.68
N LEU B 279 6.79 -13.11 -29.97
CA LEU B 279 7.91 -13.74 -29.28
C LEU B 279 7.42 -14.64 -28.14
N VAL B 280 6.31 -14.23 -27.47
CA VAL B 280 5.70 -15.05 -26.42
C VAL B 280 5.22 -16.36 -27.02
N ARG B 281 4.44 -16.24 -28.10
CA ARG B 281 3.88 -17.40 -28.78
C ARG B 281 5.00 -18.33 -29.27
N LYS B 282 6.07 -17.75 -29.88
CA LYS B 282 7.21 -18.53 -30.35
CA LYS B 282 7.23 -18.51 -30.35
C LYS B 282 7.81 -19.38 -29.23
N HIS B 283 8.03 -18.74 -28.06
CA HIS B 283 8.65 -19.46 -26.95
C HIS B 283 7.77 -20.61 -26.45
N ILE B 284 6.45 -20.36 -26.34
CA ILE B 284 5.48 -21.37 -25.92
C ILE B 284 5.51 -22.55 -26.89
N GLU B 285 5.42 -22.27 -28.21
CA GLU B 285 5.32 -23.29 -29.24
C GLU B 285 6.54 -24.23 -29.19
N GLU B 286 7.72 -23.61 -29.19
CA GLU B 286 8.98 -24.34 -29.19
CA GLU B 286 9.00 -24.30 -29.17
C GLU B 286 9.07 -25.22 -27.95
N PHE B 287 8.59 -24.69 -26.81
CA PHE B 287 8.71 -25.46 -25.57
C PHE B 287 7.89 -26.73 -25.62
N ILE B 288 6.65 -26.65 -26.14
CA ILE B 288 5.74 -27.78 -26.18
C ILE B 288 6.23 -28.83 -27.17
N LEU B 289 6.66 -28.37 -28.37
CA LEU B 289 7.01 -29.28 -29.45
C LEU B 289 8.35 -29.97 -29.22
N LYS B 290 9.38 -29.21 -28.81
CA LYS B 290 10.75 -29.66 -28.75
C LYS B 290 10.97 -30.59 -27.56
#